data_1GOJ
#
_entry.id   1GOJ
#
_cell.length_a   51.970
_cell.length_b   72.730
_cell.length_c   84.930
_cell.angle_alpha   90.00
_cell.angle_beta   90.00
_cell.angle_gamma   90.00
#
_symmetry.space_group_name_H-M   'P 21 21 21'
#
loop_
_entity.id
_entity.type
_entity.pdbx_description
1 polymer 'KINESIN HEAVY CHAIN'
2 non-polymer "ADENOSINE-5'-DIPHOSPHATE"
3 non-polymer 'MAGNESIUM ION'
4 water water
#
_entity_poly.entity_id   1
_entity_poly.type   'polypeptide(L)'
_entity_poly.pdbx_seq_one_letter_code
;MSSSANSIKVVARFRPQNRVEIESGGQPIVTFQGPDTCTVDSKEAQGSFTFDRVFDMSCKQSDIFDFSIKPTVDDILNGY
NGTVFAYGQTGAGKSYTMMGTSIDDPDGRGVIPRIVEQIFTSILSSAANIEYTVRVSYMEIYMERIRDLLAPQNDNLPVH
EEKNRGVYVKGLLEIYVSSVQEVYEVMRRGGNARAVAATNMNQESSRSHSIFVITITQKNVETGSAKSGQLFLVDLAGSE
KVGKTGASGQTLEEAKKINKSLSALGMVINALTDGKSSHVPYRDSKLTRILQESLGGNSRTTLIINCSPSSYNDAETLST
LRFGMRAKSIKNKAKVNAELSPAELKQMLAKAKTQ
;
_entity_poly.pdbx_strand_id   A
#
# COMPACT_ATOMS: atom_id res chain seq x y z
N SER A 2 6.82 7.27 21.00
CA SER A 2 7.19 7.82 19.67
C SER A 2 5.96 8.45 18.98
N SER A 3 5.68 9.70 19.32
CA SER A 3 4.54 10.42 18.75
C SER A 3 4.88 11.10 17.43
N SER A 4 6.17 11.43 17.24
CA SER A 4 6.61 12.09 16.01
C SER A 4 7.32 11.10 15.10
N ALA A 5 7.88 10.05 15.68
CA ALA A 5 8.59 9.02 14.91
C ALA A 5 7.56 8.23 14.10
N ASN A 6 6.35 8.79 13.99
CA ASN A 6 5.28 8.17 13.23
C ASN A 6 5.22 8.84 11.87
N SER A 7 6.38 8.95 11.24
CA SER A 7 6.48 9.56 9.91
C SER A 7 6.23 8.45 8.88
N ILE A 8 5.87 8.82 7.67
CA ILE A 8 5.64 7.84 6.61
C ILE A 8 6.95 7.26 6.12
N LYS A 9 7.10 5.95 6.20
CA LYS A 9 8.32 5.31 5.75
C LYS A 9 8.30 5.17 4.24
N VAL A 10 9.40 5.55 3.60
CA VAL A 10 9.51 5.46 2.16
C VAL A 10 10.74 4.64 1.78
N VAL A 11 10.54 3.56 1.05
CA VAL A 11 11.64 2.73 0.61
C VAL A 11 11.61 2.66 -0.90
N ALA A 12 12.78 2.74 -1.53
CA ALA A 12 12.86 2.67 -2.98
C ALA A 12 13.39 1.31 -3.42
N ARG A 13 12.79 0.74 -4.46
CA ARG A 13 13.23 -0.54 -4.97
C ARG A 13 13.45 -0.48 -6.48
N PHE A 14 14.68 -0.75 -6.90
CA PHE A 14 15.04 -0.75 -8.30
C PHE A 14 15.10 -2.19 -8.78
N ARG A 15 14.38 -2.48 -9.85
CA ARG A 15 14.38 -3.81 -10.44
C ARG A 15 15.42 -3.82 -11.55
N PRO A 16 15.79 -5.01 -12.05
CA PRO A 16 16.76 -5.11 -13.13
C PRO A 16 16.09 -4.52 -14.38
N GLN A 17 16.86 -4.13 -15.38
CA GLN A 17 16.27 -3.59 -16.60
C GLN A 17 15.45 -4.69 -17.24
N ASN A 18 14.39 -4.32 -17.97
CA ASN A 18 13.57 -5.33 -18.63
C ASN A 18 13.98 -5.46 -20.10
N ARG A 19 13.34 -6.38 -20.81
CA ARG A 19 13.67 -6.61 -22.21
C ARG A 19 13.56 -5.40 -23.11
N VAL A 20 12.46 -4.65 -23.03
CA VAL A 20 12.28 -3.48 -23.88
C VAL A 20 13.34 -2.41 -23.62
N GLU A 21 13.71 -2.22 -22.35
CA GLU A 21 14.72 -1.23 -22.02
C GLU A 21 16.08 -1.70 -22.57
N ILE A 22 16.49 -2.90 -22.16
CA ILE A 22 17.75 -3.46 -22.58
C ILE A 22 17.95 -3.45 -24.09
N GLU A 23 16.95 -3.95 -24.83
CA GLU A 23 17.03 -4.02 -26.28
C GLU A 23 16.70 -2.71 -26.98
N SER A 24 16.58 -1.63 -26.22
CA SER A 24 16.29 -0.31 -26.80
C SER A 24 17.44 0.64 -26.50
N GLY A 25 18.57 0.08 -26.08
CA GLY A 25 19.73 0.90 -25.77
C GLY A 25 19.77 1.42 -24.35
N GLY A 26 18.94 0.84 -23.48
CA GLY A 26 18.91 1.27 -22.08
C GLY A 26 20.16 0.92 -21.30
N GLN A 27 20.65 1.87 -20.51
CA GLN A 27 21.85 1.67 -19.69
C GLN A 27 21.55 2.05 -18.24
N PRO A 28 22.33 1.51 -17.29
CA PRO A 28 22.13 1.83 -15.87
C PRO A 28 22.52 3.28 -15.59
N ILE A 29 21.66 4.00 -14.87
CA ILE A 29 21.91 5.40 -14.55
C ILE A 29 21.83 5.64 -13.05
N VAL A 30 21.72 4.57 -12.28
CA VAL A 30 21.60 4.68 -10.84
C VAL A 30 22.75 4.03 -10.07
N THR A 31 23.33 4.79 -9.15
CA THR A 31 24.43 4.32 -8.31
C THR A 31 23.90 4.27 -6.88
N PHE A 32 24.44 3.36 -6.08
CA PHE A 32 23.99 3.23 -4.70
C PHE A 32 25.09 3.59 -3.72
N GLN A 33 24.77 4.49 -2.79
CA GLN A 33 25.72 4.91 -1.79
C GLN A 33 25.52 4.11 -0.51
N GLY A 34 24.70 4.61 0.39
CA GLY A 34 24.47 3.88 1.62
C GLY A 34 23.33 2.89 1.43
N PRO A 35 22.84 2.29 2.52
CA PRO A 35 21.72 1.34 2.39
C PRO A 35 20.42 2.12 2.26
N ASP A 36 20.52 3.44 2.26
CA ASP A 36 19.35 4.31 2.16
C ASP A 36 19.49 5.42 1.13
N THR A 37 20.56 5.37 0.34
CA THR A 37 20.81 6.42 -0.65
C THR A 37 21.10 5.89 -2.06
N CYS A 38 20.69 6.65 -3.06
CA CYS A 38 20.95 6.28 -4.46
C CYS A 38 21.18 7.57 -5.22
N THR A 39 21.83 7.47 -6.37
CA THR A 39 22.12 8.65 -7.19
C THR A 39 21.82 8.35 -8.66
N VAL A 40 21.11 9.25 -9.32
CA VAL A 40 20.78 9.06 -10.73
C VAL A 40 21.54 10.08 -11.57
N ASP A 41 22.07 9.62 -12.70
CA ASP A 41 22.80 10.48 -13.61
C ASP A 41 22.44 10.08 -15.03
N SER A 42 21.56 10.87 -15.65
CA SER A 42 21.12 10.61 -17.00
C SER A 42 20.67 11.91 -17.66
N LYS A 43 20.29 11.83 -18.93
CA LYS A 43 19.84 13.00 -19.69
C LYS A 43 18.70 13.76 -19.02
N GLU A 44 17.65 13.04 -18.63
CA GLU A 44 16.48 13.66 -17.99
C GLU A 44 16.33 13.29 -16.53
N ALA A 45 17.45 12.97 -15.86
CA ALA A 45 17.42 12.60 -14.46
C ALA A 45 18.32 13.50 -13.61
N GLN A 46 19.44 12.96 -13.14
CA GLN A 46 20.38 13.69 -12.30
C GLN A 46 19.80 14.08 -10.94
N GLY A 47 20.51 13.72 -9.88
CA GLY A 47 20.06 14.03 -8.54
C GLY A 47 20.46 12.94 -7.56
N SER A 48 20.46 13.28 -6.27
CA SER A 48 20.81 12.33 -5.24
C SER A 48 19.64 12.21 -4.27
N PHE A 49 19.19 10.99 -3.98
CA PHE A 49 18.05 10.80 -3.09
C PHE A 49 18.32 9.85 -1.93
N THR A 50 17.80 10.21 -0.76
CA THR A 50 17.95 9.42 0.45
C THR A 50 16.58 9.10 1.05
N PHE A 51 16.29 7.82 1.23
CA PHE A 51 15.03 7.38 1.80
C PHE A 51 15.30 6.56 3.05
N ASP A 52 14.26 6.02 3.66
CA ASP A 52 14.46 5.21 4.85
C ASP A 52 15.17 3.92 4.44
N ARG A 53 15.20 3.65 3.14
CA ARG A 53 15.83 2.45 2.61
C ARG A 53 15.77 2.39 1.08
N VAL A 54 16.83 1.89 0.46
CA VAL A 54 16.90 1.75 -0.98
C VAL A 54 17.37 0.33 -1.32
N PHE A 55 16.58 -0.38 -2.11
CA PHE A 55 16.95 -1.74 -2.52
C PHE A 55 17.46 -1.71 -3.95
N ASP A 56 18.66 -2.25 -4.19
CA ASP A 56 19.20 -2.26 -5.55
C ASP A 56 18.67 -3.45 -6.35
N MET A 57 19.09 -3.54 -7.60
CA MET A 57 18.66 -4.60 -8.52
C MET A 57 18.89 -6.03 -8.05
N SER A 58 19.82 -6.23 -7.13
CA SER A 58 20.11 -7.58 -6.63
C SER A 58 19.19 -8.03 -5.51
N CYS A 59 18.61 -7.09 -4.78
CA CYS A 59 17.73 -7.44 -3.66
C CYS A 59 16.57 -8.36 -4.03
N LYS A 60 16.41 -9.42 -3.25
CA LYS A 60 15.35 -10.39 -3.49
C LYS A 60 14.10 -10.12 -2.65
N GLN A 61 13.03 -10.87 -2.94
CA GLN A 61 11.76 -10.71 -2.25
C GLN A 61 11.91 -10.84 -0.73
N SER A 62 12.72 -11.79 -0.28
CA SER A 62 12.90 -11.97 1.16
C SER A 62 13.59 -10.74 1.76
N ASP A 63 14.45 -10.09 0.98
CA ASP A 63 15.14 -8.90 1.47
C ASP A 63 14.12 -7.78 1.74
N ILE A 64 13.24 -7.55 0.78
CA ILE A 64 12.22 -6.52 0.89
C ILE A 64 11.40 -6.72 2.17
N PHE A 65 10.94 -7.96 2.34
CA PHE A 65 10.13 -8.32 3.50
C PHE A 65 10.86 -8.22 4.85
N ASP A 66 12.03 -8.83 4.93
CA ASP A 66 12.81 -8.82 6.18
C ASP A 66 13.37 -7.46 6.58
N PHE A 67 13.68 -6.61 5.61
CA PHE A 67 14.26 -5.31 5.94
C PHE A 67 13.32 -4.12 6.07
N SER A 68 12.06 -4.25 5.68
CA SER A 68 11.17 -3.11 5.82
C SER A 68 9.68 -3.40 5.92
N ILE A 69 9.28 -4.66 5.75
CA ILE A 69 7.87 -5.00 5.83
C ILE A 69 7.51 -5.76 7.10
N LYS A 70 8.35 -6.72 7.46
CA LYS A 70 8.15 -7.56 8.64
C LYS A 70 7.73 -6.78 9.89
N PRO A 71 8.33 -5.61 10.14
CA PRO A 71 7.96 -4.85 11.33
C PRO A 71 6.49 -4.42 11.34
N THR A 72 5.90 -4.33 10.15
CA THR A 72 4.51 -3.95 10.01
C THR A 72 3.57 -5.04 10.54
N VAL A 73 3.94 -6.29 10.34
CA VAL A 73 3.12 -7.39 10.80
C VAL A 73 3.01 -7.36 12.32
N ASP A 74 4.12 -7.04 12.98
CA ASP A 74 4.13 -6.95 14.43
C ASP A 74 3.17 -5.85 14.89
N ASP A 75 3.09 -4.76 14.13
CA ASP A 75 2.18 -3.66 14.48
C ASP A 75 0.72 -4.10 14.43
N ILE A 76 0.31 -4.77 13.35
CA ILE A 76 -1.08 -5.20 13.26
C ILE A 76 -1.39 -6.23 14.34
N LEU A 77 -0.43 -7.11 14.62
CA LEU A 77 -0.64 -8.12 15.66
C LEU A 77 -0.75 -7.49 17.04
N ASN A 78 -0.43 -6.20 17.14
CA ASN A 78 -0.52 -5.50 18.42
C ASN A 78 -1.64 -4.47 18.47
N GLY A 79 -2.53 -4.50 17.48
CA GLY A 79 -3.65 -3.58 17.47
C GLY A 79 -3.45 -2.24 16.77
N TYR A 80 -2.43 -2.15 15.93
CA TYR A 80 -2.18 -0.92 15.20
C TYR A 80 -2.64 -1.08 13.74
N ASN A 81 -3.07 0.01 13.13
CA ASN A 81 -3.52 0.00 11.74
C ASN A 81 -2.35 0.43 10.87
N GLY A 82 -2.35 -0.01 9.61
CA GLY A 82 -1.26 0.36 8.74
C GLY A 82 -1.60 0.13 7.29
N THR A 83 -0.78 0.69 6.41
CA THR A 83 -0.97 0.56 4.98
C THR A 83 0.38 0.50 4.30
N VAL A 84 0.48 -0.32 3.26
CA VAL A 84 1.69 -0.44 2.47
C VAL A 84 1.28 -0.15 1.03
N PHE A 85 1.92 0.85 0.43
CA PHE A 85 1.63 1.23 -0.96
C PHE A 85 2.77 0.78 -1.85
N ALA A 86 2.44 0.36 -3.07
CA ALA A 86 3.45 0.01 -4.05
C ALA A 86 3.16 1.04 -5.13
N TYR A 87 4.09 1.97 -5.35
CA TYR A 87 3.90 3.07 -6.30
C TYR A 87 4.96 3.08 -7.40
N GLY A 88 4.56 3.48 -8.61
CA GLY A 88 5.50 3.52 -9.71
C GLY A 88 4.88 3.34 -11.08
N GLN A 89 5.65 3.61 -12.12
CA GLN A 89 5.17 3.50 -13.49
C GLN A 89 4.85 2.05 -13.85
N THR A 90 3.99 1.88 -14.86
CA THR A 90 3.64 0.54 -15.31
C THR A 90 4.92 -0.20 -15.69
N GLY A 91 5.02 -1.46 -15.27
CA GLY A 91 6.20 -2.24 -15.55
C GLY A 91 7.34 -2.05 -14.55
N ALA A 92 7.15 -1.19 -13.54
CA ALA A 92 8.21 -0.94 -12.56
C ALA A 92 8.37 -2.03 -11.51
N GLY A 93 7.30 -2.79 -11.24
CA GLY A 93 7.40 -3.86 -10.26
C GLY A 93 6.49 -3.77 -9.05
N LYS A 94 5.35 -3.09 -9.20
CA LYS A 94 4.41 -2.96 -8.09
C LYS A 94 3.77 -4.29 -7.71
N SER A 95 3.17 -4.97 -8.70
CA SER A 95 2.52 -6.27 -8.45
C SER A 95 3.54 -7.34 -8.07
N TYR A 96 4.70 -7.33 -8.74
CA TYR A 96 5.75 -8.30 -8.44
C TYR A 96 6.15 -8.16 -6.97
N THR A 97 6.24 -6.92 -6.50
CA THR A 97 6.63 -6.66 -5.11
C THR A 97 5.53 -7.01 -4.11
N MET A 98 4.28 -6.72 -4.46
CA MET A 98 3.16 -6.99 -3.57
C MET A 98 2.69 -8.44 -3.52
N MET A 99 2.46 -9.03 -4.69
CA MET A 99 1.98 -10.40 -4.76
C MET A 99 3.07 -11.34 -5.25
N GLY A 100 3.86 -10.89 -6.22
CA GLY A 100 4.94 -11.72 -6.75
C GLY A 100 4.58 -12.39 -8.06
N THR A 101 5.57 -13.00 -8.70
CA THR A 101 5.38 -13.69 -9.97
C THR A 101 4.25 -14.70 -9.83
N SER A 102 4.31 -15.44 -8.73
CA SER A 102 3.33 -16.46 -8.39
C SER A 102 3.47 -16.64 -6.90
N ILE A 103 2.35 -16.69 -6.18
CA ILE A 103 2.43 -16.86 -4.74
C ILE A 103 2.88 -18.29 -4.43
N ASP A 104 2.89 -19.13 -5.45
CA ASP A 104 3.28 -20.53 -5.30
C ASP A 104 4.75 -20.82 -5.62
N ASP A 105 5.46 -19.79 -6.06
CA ASP A 105 6.89 -19.92 -6.36
C ASP A 105 7.58 -19.32 -5.14
N PRO A 106 8.10 -20.18 -4.24
CA PRO A 106 8.79 -19.74 -3.01
C PRO A 106 9.68 -18.50 -3.10
N ASP A 107 10.62 -18.49 -4.04
CA ASP A 107 11.51 -17.34 -4.17
C ASP A 107 10.83 -16.12 -4.78
N GLY A 108 9.95 -16.36 -5.75
CA GLY A 108 9.28 -15.26 -6.41
C GLY A 108 8.09 -14.66 -5.70
N ARG A 109 7.60 -15.28 -4.63
CA ARG A 109 6.44 -14.72 -3.94
C ARG A 109 6.75 -13.40 -3.24
N GLY A 110 5.82 -12.46 -3.33
CA GLY A 110 6.03 -11.15 -2.75
C GLY A 110 5.62 -10.88 -1.31
N VAL A 111 5.44 -9.61 -1.02
CA VAL A 111 5.08 -9.11 0.30
C VAL A 111 3.85 -9.70 0.98
N ILE A 112 2.71 -9.62 0.31
CA ILE A 112 1.46 -10.09 0.87
C ILE A 112 1.47 -11.54 1.36
N PRO A 113 1.88 -12.49 0.52
CA PRO A 113 1.89 -13.88 1.01
C PRO A 113 2.84 -14.08 2.19
N ARG A 114 3.94 -13.33 2.20
CA ARG A 114 4.89 -13.44 3.30
C ARG A 114 4.29 -12.85 4.57
N ILE A 115 3.49 -11.80 4.42
CA ILE A 115 2.84 -11.18 5.58
C ILE A 115 1.89 -12.19 6.22
N VAL A 116 1.11 -12.87 5.38
CA VAL A 116 0.15 -13.87 5.86
C VAL A 116 0.83 -15.04 6.59
N GLU A 117 1.95 -15.53 6.07
CA GLU A 117 2.67 -16.61 6.71
C GLU A 117 3.08 -16.20 8.12
N GLN A 118 3.66 -15.00 8.22
CA GLN A 118 4.11 -14.46 9.50
C GLN A 118 2.95 -14.28 10.49
N ILE A 119 1.81 -13.84 9.99
CA ILE A 119 0.66 -13.62 10.85
C ILE A 119 0.21 -14.94 11.48
N PHE A 120 0.05 -15.97 10.66
CA PHE A 120 -0.37 -17.24 11.20
C PHE A 120 0.70 -17.92 12.04
N THR A 121 1.97 -17.64 11.74
CA THR A 121 3.05 -18.23 12.54
C THR A 121 3.02 -17.65 13.94
N SER A 122 2.80 -16.34 14.05
CA SER A 122 2.74 -15.70 15.35
C SER A 122 1.50 -16.16 16.11
N ILE A 123 0.37 -16.14 15.42
CA ILE A 123 -0.87 -16.57 16.05
C ILE A 123 -0.68 -17.95 16.67
N LEU A 124 -0.29 -18.92 15.85
CA LEU A 124 -0.11 -20.29 16.31
C LEU A 124 0.85 -20.47 17.49
N SER A 125 1.80 -19.56 17.67
CA SER A 125 2.75 -19.68 18.76
C SER A 125 2.38 -18.79 19.94
N SER A 126 1.18 -18.22 19.90
CA SER A 126 0.71 -17.33 20.97
C SER A 126 0.14 -18.11 22.14
N ALA A 127 0.10 -17.47 23.30
CA ALA A 127 -0.46 -18.12 24.50
C ALA A 127 -1.95 -18.41 24.27
N ALA A 128 -2.43 -19.51 24.86
CA ALA A 128 -3.83 -19.90 24.72
C ALA A 128 -4.76 -18.79 25.20
N ASN A 129 -4.20 -17.93 26.05
CA ASN A 129 -4.91 -16.80 26.64
C ASN A 129 -5.35 -15.75 25.61
N ILE A 130 -4.63 -15.68 24.50
CA ILE A 130 -4.92 -14.71 23.45
C ILE A 130 -5.58 -15.42 22.25
N GLU A 131 -6.85 -15.14 22.01
CA GLU A 131 -7.58 -15.75 20.89
C GLU A 131 -7.64 -14.76 19.72
N TYR A 132 -7.23 -15.21 18.54
CA TYR A 132 -7.24 -14.35 17.37
C TYR A 132 -8.32 -14.67 16.35
N THR A 133 -8.61 -13.68 15.52
CA THR A 133 -9.56 -13.84 14.44
C THR A 133 -8.97 -13.05 13.26
N VAL A 134 -9.00 -13.64 12.07
CA VAL A 134 -8.46 -12.96 10.90
C VAL A 134 -9.48 -12.98 9.77
N ARG A 135 -9.64 -11.85 9.10
CA ARG A 135 -10.56 -11.78 7.98
C ARG A 135 -10.01 -10.90 6.87
N VAL A 136 -10.24 -11.31 5.63
CA VAL A 136 -9.73 -10.58 4.50
C VAL A 136 -10.77 -10.09 3.52
N SER A 137 -10.40 -9.06 2.78
CA SER A 137 -11.23 -8.46 1.74
C SER A 137 -10.28 -8.19 0.60
N TYR A 138 -10.79 -8.19 -0.62
CA TYR A 138 -9.94 -7.96 -1.77
C TYR A 138 -10.78 -7.21 -2.79
N MET A 139 -10.40 -5.97 -3.07
CA MET A 139 -11.15 -5.14 -4.01
C MET A 139 -10.27 -4.51 -5.07
N GLU A 140 -10.92 -4.02 -6.11
CA GLU A 140 -10.24 -3.36 -7.22
C GLU A 140 -11.02 -2.09 -7.55
N ILE A 141 -10.29 -1.00 -7.78
CA ILE A 141 -10.90 0.27 -8.11
C ILE A 141 -10.46 0.69 -9.51
N TYR A 142 -11.44 0.85 -10.40
CA TYR A 142 -11.17 1.28 -11.76
C TYR A 142 -12.26 2.25 -12.16
N MET A 143 -11.86 3.42 -12.68
CA MET A 143 -12.80 4.44 -13.09
C MET A 143 -13.73 4.78 -11.94
N GLU A 144 -13.16 4.88 -10.74
CA GLU A 144 -13.91 5.20 -9.54
C GLU A 144 -15.08 4.27 -9.23
N ARG A 145 -14.95 3.02 -9.62
CA ARG A 145 -15.99 2.03 -9.33
C ARG A 145 -15.26 0.93 -8.57
N ILE A 146 -15.85 0.49 -7.46
CA ILE A 146 -15.23 -0.53 -6.64
C ILE A 146 -15.78 -1.93 -6.93
N ARG A 147 -14.91 -2.86 -7.28
CA ARG A 147 -15.31 -4.24 -7.55
C ARG A 147 -14.73 -5.15 -6.49
N ASP A 148 -15.59 -5.99 -5.92
CA ASP A 148 -15.20 -6.96 -4.89
C ASP A 148 -14.58 -8.13 -5.65
N LEU A 149 -13.27 -8.31 -5.51
CA LEU A 149 -12.61 -9.40 -6.21
C LEU A 149 -12.99 -10.78 -5.67
N LEU A 150 -13.74 -10.81 -4.58
CA LEU A 150 -14.18 -12.07 -3.98
C LEU A 150 -15.66 -12.31 -4.30
N ALA A 151 -16.33 -11.28 -4.81
CA ALA A 151 -17.74 -11.34 -5.22
C ALA A 151 -17.84 -10.40 -6.44
N PRO A 152 -17.13 -10.76 -7.52
CA PRO A 152 -17.04 -10.04 -8.80
C PRO A 152 -18.33 -9.43 -9.35
N GLN A 153 -19.48 -10.05 -9.11
CA GLN A 153 -20.72 -9.50 -9.64
C GLN A 153 -20.96 -8.08 -9.11
N ASN A 154 -20.50 -7.79 -7.91
CA ASN A 154 -20.68 -6.47 -7.33
C ASN A 154 -19.52 -5.60 -7.78
N ASP A 155 -19.70 -4.87 -8.88
CA ASP A 155 -18.63 -4.03 -9.41
C ASP A 155 -18.82 -2.52 -9.25
N ASN A 156 -19.71 -2.11 -8.34
CA ASN A 156 -19.94 -0.70 -8.08
C ASN A 156 -20.32 -0.48 -6.61
N LEU A 157 -19.51 -1.00 -5.69
CA LEU A 157 -19.79 -0.87 -4.27
C LEU A 157 -19.65 0.55 -3.77
N PRO A 158 -20.56 0.99 -2.90
CA PRO A 158 -20.50 2.35 -2.37
C PRO A 158 -19.55 2.49 -1.17
N VAL A 159 -19.10 3.72 -0.97
CA VAL A 159 -18.22 4.03 0.13
C VAL A 159 -19.08 4.78 1.16
N HIS A 160 -19.00 4.37 2.42
CA HIS A 160 -19.77 5.00 3.48
C HIS A 160 -18.81 5.53 4.55
N GLU A 161 -19.33 6.32 5.47
CA GLU A 161 -18.52 6.89 6.54
C GLU A 161 -19.37 7.35 7.71
N GLU A 162 -18.93 7.01 8.92
CA GLU A 162 -19.61 7.38 10.13
C GLU A 162 -18.56 7.82 11.14
N LYS A 163 -18.93 8.73 12.03
CA LYS A 163 -18.00 9.22 13.05
C LYS A 163 -17.49 8.09 13.94
N ASN A 164 -18.38 7.19 14.32
CA ASN A 164 -18.03 6.07 15.19
C ASN A 164 -17.48 4.86 14.44
N ARG A 165 -16.94 5.06 13.24
CA ARG A 165 -16.39 3.94 12.48
C ARG A 165 -15.36 4.25 11.38
N GLY A 166 -15.38 5.47 10.86
CA GLY A 166 -14.44 5.80 9.81
C GLY A 166 -15.00 5.42 8.44
N VAL A 167 -14.13 5.29 7.44
CA VAL A 167 -14.56 4.94 6.10
C VAL A 167 -14.50 3.44 5.83
N TYR A 168 -15.53 2.93 5.17
CA TYR A 168 -15.61 1.52 4.83
C TYR A 168 -16.43 1.34 3.56
N VAL A 169 -16.21 0.24 2.86
CA VAL A 169 -16.95 -0.06 1.66
C VAL A 169 -18.10 -0.95 2.08
N LYS A 170 -19.31 -0.42 1.97
CA LYS A 170 -20.51 -1.16 2.37
C LYS A 170 -20.82 -2.26 1.37
N GLY A 171 -20.93 -3.48 1.87
CA GLY A 171 -21.24 -4.61 1.00
C GLY A 171 -20.02 -5.39 0.59
N LEU A 172 -18.84 -4.92 0.97
CA LEU A 172 -17.61 -5.61 0.63
C LEU A 172 -17.55 -6.92 1.41
N LEU A 173 -17.31 -8.02 0.71
CA LEU A 173 -17.25 -9.32 1.37
C LEU A 173 -15.98 -9.48 2.21
N GLU A 174 -16.17 -9.94 3.45
CA GLU A 174 -15.05 -10.17 4.36
C GLU A 174 -15.10 -11.65 4.71
N ILE A 175 -14.00 -12.34 4.47
CA ILE A 175 -13.93 -13.77 4.73
C ILE A 175 -12.99 -14.14 5.86
N TYR A 176 -13.51 -14.84 6.87
CA TYR A 176 -12.67 -15.30 7.96
C TYR A 176 -11.79 -16.37 7.34
N VAL A 177 -10.54 -16.40 7.76
CA VAL A 177 -9.61 -17.40 7.28
C VAL A 177 -8.90 -17.92 8.52
N SER A 178 -8.76 -19.24 8.59
CA SER A 178 -8.14 -19.85 9.76
C SER A 178 -6.78 -20.50 9.48
N SER A 179 -6.28 -20.36 8.25
CA SER A 179 -4.98 -20.94 7.91
C SER A 179 -4.34 -20.20 6.75
N VAL A 180 -3.03 -20.39 6.58
CA VAL A 180 -2.30 -19.75 5.50
C VAL A 180 -2.85 -20.19 4.15
N GLN A 181 -3.26 -21.46 4.08
CA GLN A 181 -3.79 -22.03 2.84
C GLN A 181 -5.10 -21.40 2.39
N GLU A 182 -6.01 -21.13 3.32
CA GLU A 182 -7.31 -20.53 2.97
C GLU A 182 -7.09 -19.14 2.40
N VAL A 183 -6.20 -18.37 3.01
CA VAL A 183 -5.91 -17.02 2.55
C VAL A 183 -5.28 -17.08 1.16
N TYR A 184 -4.33 -18.01 0.99
CA TYR A 184 -3.67 -18.15 -0.31
C TYR A 184 -4.71 -18.33 -1.42
N GLU A 185 -5.69 -19.21 -1.21
CA GLU A 185 -6.71 -19.43 -2.24
C GLU A 185 -7.49 -18.12 -2.49
N VAL A 186 -7.69 -17.33 -1.43
CA VAL A 186 -8.39 -16.05 -1.57
C VAL A 186 -7.60 -15.17 -2.53
N MET A 187 -6.27 -15.20 -2.40
CA MET A 187 -5.40 -14.42 -3.26
C MET A 187 -5.47 -14.93 -4.71
N ARG A 188 -5.57 -16.25 -4.88
CA ARG A 188 -5.65 -16.83 -6.22
C ARG A 188 -6.98 -16.42 -6.86
N ARG A 189 -8.06 -16.53 -6.09
CA ARG A 189 -9.39 -16.15 -6.56
C ARG A 189 -9.42 -14.69 -7.00
N GLY A 190 -8.86 -13.81 -6.17
CA GLY A 190 -8.83 -12.40 -6.51
C GLY A 190 -8.02 -12.13 -7.76
N GLY A 191 -6.90 -12.85 -7.91
CA GLY A 191 -6.07 -12.65 -9.08
C GLY A 191 -6.85 -13.05 -10.32
N ASN A 192 -7.58 -14.17 -10.21
CA ASN A 192 -8.40 -14.65 -11.31
C ASN A 192 -9.42 -13.59 -11.70
N ALA A 193 -10.11 -13.06 -10.70
CA ALA A 193 -11.13 -12.03 -10.92
C ALA A 193 -10.54 -10.79 -11.60
N ARG A 194 -9.31 -10.44 -11.24
CA ARG A 194 -8.67 -9.28 -11.88
C ARG A 194 -8.40 -9.49 -13.37
N ALA A 195 -8.03 -10.71 -13.73
CA ALA A 195 -7.74 -11.04 -15.12
C ALA A 195 -9.05 -11.04 -15.92
N VAL A 196 -10.13 -11.49 -15.28
CA VAL A 196 -11.43 -11.50 -15.93
C VAL A 196 -11.85 -10.07 -16.30
N ALA A 197 -11.74 -9.15 -15.34
CA ALA A 197 -12.10 -7.76 -15.57
C ALA A 197 -11.23 -7.13 -16.65
N ALA A 198 -9.92 -7.35 -16.53
CA ALA A 198 -8.94 -6.82 -17.48
C ALA A 198 -9.17 -7.34 -18.90
N THR A 199 -9.60 -8.59 -19.01
CA THR A 199 -9.83 -9.22 -20.31
C THR A 199 -11.20 -8.97 -20.96
N ASN A 200 -12.27 -8.96 -20.17
CA ASN A 200 -13.62 -8.81 -20.71
C ASN A 200 -14.36 -7.50 -20.47
N MET A 201 -13.83 -6.61 -19.63
CA MET A 201 -14.53 -5.38 -19.32
C MET A 201 -14.01 -4.10 -19.94
N ASN A 202 -13.23 -4.19 -21.01
CA ASN A 202 -12.69 -2.98 -21.64
C ASN A 202 -12.12 -2.12 -20.53
N GLN A 203 -11.17 -2.70 -19.80
CA GLN A 203 -10.55 -2.02 -18.68
C GLN A 203 -9.03 -2.16 -18.77
N GLU A 204 -8.33 -1.04 -18.58
CA GLU A 204 -6.87 -1.05 -18.62
C GLU A 204 -6.36 -1.52 -17.27
N SER A 205 -5.64 -2.63 -17.26
CA SER A 205 -5.12 -3.20 -16.01
C SER A 205 -4.10 -2.30 -15.32
N SER A 206 -3.42 -1.48 -16.12
CA SER A 206 -2.40 -0.59 -15.60
C SER A 206 -2.97 0.67 -14.94
N ARG A 207 -4.27 0.90 -15.13
CA ARG A 207 -4.93 2.09 -14.59
C ARG A 207 -5.89 1.79 -13.44
N SER A 208 -5.81 0.58 -12.88
CA SER A 208 -6.69 0.24 -11.77
C SER A 208 -5.88 -0.03 -10.50
N HIS A 209 -6.45 0.27 -9.34
CA HIS A 209 -5.80 0.02 -8.06
C HIS A 209 -6.39 -1.26 -7.47
N SER A 210 -5.58 -2.03 -6.76
CA SER A 210 -6.06 -3.24 -6.11
C SER A 210 -5.77 -3.07 -4.63
N ILE A 211 -6.71 -3.46 -3.78
CA ILE A 211 -6.50 -3.33 -2.34
C ILE A 211 -6.85 -4.61 -1.59
N PHE A 212 -5.85 -5.17 -0.90
CA PHE A 212 -6.03 -6.38 -0.12
C PHE A 212 -6.10 -5.93 1.34
N VAL A 213 -7.17 -6.31 2.03
CA VAL A 213 -7.35 -5.91 3.42
C VAL A 213 -7.34 -7.10 4.37
N ILE A 214 -6.52 -7.00 5.41
CA ILE A 214 -6.41 -8.06 6.41
C ILE A 214 -6.81 -7.40 7.73
N THR A 215 -7.74 -8.01 8.43
CA THR A 215 -8.15 -7.46 9.71
C THR A 215 -7.97 -8.54 10.77
N ILE A 216 -7.19 -8.20 11.78
CA ILE A 216 -6.91 -9.14 12.85
C ILE A 216 -7.46 -8.68 14.19
N THR A 217 -8.33 -9.51 14.76
CA THR A 217 -8.91 -9.22 16.05
C THR A 217 -8.27 -10.15 17.07
N GLN A 218 -8.03 -9.63 18.27
CA GLN A 218 -7.44 -10.44 19.32
C GLN A 218 -8.13 -10.12 20.64
N LYS A 219 -8.42 -11.17 21.41
CA LYS A 219 -9.06 -10.99 22.70
C LYS A 219 -8.29 -11.70 23.80
N ASN A 220 -8.08 -11.01 24.91
CA ASN A 220 -7.40 -11.61 26.05
C ASN A 220 -8.57 -12.13 26.89
N VAL A 221 -8.78 -13.43 26.86
CA VAL A 221 -9.88 -14.07 27.57
C VAL A 221 -9.80 -13.95 29.09
N GLU A 222 -8.66 -13.52 29.61
CA GLU A 222 -8.51 -13.37 31.05
C GLU A 222 -8.91 -11.98 31.53
N THR A 223 -8.73 -10.98 30.67
CA THR A 223 -9.08 -9.61 31.01
C THR A 223 -10.38 -9.17 30.35
N GLY A 224 -10.85 -9.97 29.39
CA GLY A 224 -12.07 -9.62 28.69
C GLY A 224 -11.84 -8.44 27.74
N SER A 225 -10.59 -8.01 27.63
CA SER A 225 -10.24 -6.90 26.74
C SER A 225 -9.95 -7.43 25.34
N ALA A 226 -10.49 -6.75 24.34
CA ALA A 226 -10.28 -7.17 22.96
C ALA A 226 -10.01 -5.97 22.06
N LYS A 227 -9.08 -6.13 21.13
CA LYS A 227 -8.74 -5.05 20.20
C LYS A 227 -8.51 -5.59 18.80
N SER A 228 -8.29 -4.69 17.86
CA SER A 228 -8.06 -5.09 16.48
C SER A 228 -7.11 -4.15 15.75
N GLY A 229 -6.57 -4.65 14.65
CA GLY A 229 -5.66 -3.85 13.84
C GLY A 229 -5.92 -4.25 12.40
N GLN A 230 -5.79 -3.31 11.47
CA GLN A 230 -6.01 -3.69 10.09
C GLN A 230 -4.92 -3.16 9.18
N LEU A 231 -4.56 -3.98 8.20
CA LEU A 231 -3.53 -3.65 7.26
C LEU A 231 -4.07 -3.59 5.83
N PHE A 232 -3.79 -2.49 5.14
CA PHE A 232 -4.22 -2.33 3.75
C PHE A 232 -2.98 -2.48 2.89
N LEU A 233 -3.03 -3.41 1.94
CA LEU A 233 -1.91 -3.68 1.03
C LEU A 233 -2.38 -3.23 -0.34
N VAL A 234 -1.79 -2.13 -0.80
CA VAL A 234 -2.19 -1.48 -2.04
C VAL A 234 -1.25 -1.55 -3.24
N ASP A 235 -1.79 -2.01 -4.36
CA ASP A 235 -1.05 -2.09 -5.62
C ASP A 235 -1.70 -1.01 -6.48
N LEU A 236 -1.06 0.15 -6.53
CA LEU A 236 -1.59 1.30 -7.27
C LEU A 236 -1.53 1.21 -8.78
N ALA A 237 -2.33 2.06 -9.42
CA ALA A 237 -2.37 2.15 -10.87
C ALA A 237 -1.05 2.79 -11.28
N GLY A 238 -0.73 2.71 -12.58
CA GLY A 238 0.52 3.28 -13.06
C GLY A 238 0.60 4.78 -12.83
N SER A 239 1.75 5.26 -12.40
CA SER A 239 1.94 6.68 -12.14
C SER A 239 2.43 7.51 -13.33
N GLU A 240 2.68 6.86 -14.48
CA GLU A 240 3.15 7.59 -15.66
C GLU A 240 2.10 8.60 -16.13
N LYS A 241 2.58 9.64 -16.81
CA LYS A 241 1.69 10.69 -17.34
C LYS A 241 0.66 10.16 -18.33
N VAL A 242 -0.59 10.54 -18.13
CA VAL A 242 -1.70 10.13 -19.01
C VAL A 242 -1.52 10.81 -20.36
N GLY A 243 -1.70 12.13 -20.36
CA GLY A 243 -1.56 12.90 -21.57
C GLY A 243 -2.63 12.64 -22.61
N LYS A 244 -3.53 11.72 -22.31
CA LYS A 244 -4.63 11.36 -23.22
C LYS A 244 -4.17 11.31 -24.68
N THR A 245 -2.89 11.00 -24.88
CA THR A 245 -2.30 10.92 -26.20
C THR A 245 -1.07 10.01 -26.19
N GLY A 246 -1.29 8.71 -26.35
CA GLY A 246 -0.18 7.78 -26.36
C GLY A 246 -0.58 6.32 -26.19
N ALA A 247 -1.87 6.08 -25.98
CA ALA A 247 -2.37 4.71 -25.79
C ALA A 247 -3.80 4.57 -26.31
N SER A 248 -4.11 5.28 -27.39
CA SER A 248 -5.45 5.23 -27.97
C SER A 248 -6.50 5.58 -26.91
N GLY A 249 -6.72 6.89 -26.72
CA GLY A 249 -7.68 7.33 -25.72
C GLY A 249 -9.13 7.07 -26.09
N GLN A 250 -9.90 6.62 -25.10
CA GLN A 250 -11.31 6.33 -25.30
C GLN A 250 -12.03 7.67 -25.51
N THR A 251 -13.22 7.81 -24.93
CA THR A 251 -13.94 9.07 -25.05
C THR A 251 -13.18 10.08 -24.21
N LEU A 252 -13.02 11.29 -24.74
CA LEU A 252 -12.29 12.33 -24.03
C LEU A 252 -12.87 12.56 -22.64
N GLU A 253 -14.14 12.24 -22.46
CA GLU A 253 -14.82 12.41 -21.17
C GLU A 253 -14.24 11.45 -20.13
N GLU A 254 -14.36 10.15 -20.39
CA GLU A 254 -13.85 9.14 -19.47
C GLU A 254 -12.37 9.40 -19.18
N ALA A 255 -11.75 10.22 -20.02
CA ALA A 255 -10.34 10.57 -19.85
C ALA A 255 -10.17 11.32 -18.53
N LYS A 256 -11.19 11.22 -17.68
CA LYS A 256 -11.19 11.84 -16.36
C LYS A 256 -10.13 11.09 -15.56
N LYS A 257 -9.39 10.24 -16.25
CA LYS A 257 -8.33 9.43 -15.69
C LYS A 257 -7.40 10.31 -14.85
N ILE A 258 -7.13 11.50 -15.38
CA ILE A 258 -6.25 12.46 -14.73
C ILE A 258 -6.81 12.96 -13.41
N ASN A 259 -8.12 12.89 -13.25
CA ASN A 259 -8.77 13.34 -12.03
C ASN A 259 -8.83 12.20 -11.01
N LYS A 260 -8.76 10.97 -11.51
CA LYS A 260 -8.82 9.76 -10.70
C LYS A 260 -7.95 9.79 -9.45
N SER A 261 -8.10 8.75 -8.62
CA SER A 261 -7.34 8.61 -7.39
C SER A 261 -5.85 8.77 -7.62
N LEU A 262 -5.36 8.25 -8.73
CA LEU A 262 -3.95 8.40 -9.05
C LEU A 262 -3.86 9.81 -9.62
N SER A 263 -3.96 10.76 -8.72
CA SER A 263 -3.92 12.19 -9.01
C SER A 263 -4.43 12.78 -7.72
N ALA A 264 -5.46 12.13 -7.17
CA ALA A 264 -6.04 12.53 -5.91
C ALA A 264 -4.96 12.24 -4.86
N LEU A 265 -4.23 11.15 -5.09
CA LEU A 265 -3.16 10.76 -4.17
C LEU A 265 -2.06 11.81 -4.17
N GLY A 266 -1.73 12.31 -5.35
CA GLY A 266 -0.71 13.35 -5.45
C GLY A 266 -1.17 14.62 -4.76
N MET A 267 -2.42 15.02 -5.01
CA MET A 267 -2.95 16.24 -4.41
C MET A 267 -3.04 16.11 -2.90
N VAL A 268 -3.37 14.91 -2.42
CA VAL A 268 -3.45 14.67 -0.98
C VAL A 268 -2.06 14.82 -0.37
N ILE A 269 -1.05 14.26 -1.05
CA ILE A 269 0.31 14.33 -0.57
C ILE A 269 0.81 15.77 -0.56
N ASN A 270 0.49 16.52 -1.61
CA ASN A 270 0.91 17.92 -1.70
C ASN A 270 0.34 18.72 -0.55
N ALA A 271 -0.96 18.60 -0.33
CA ALA A 271 -1.63 19.34 0.75
C ALA A 271 -0.99 19.04 2.10
N LEU A 272 -0.70 17.78 2.38
CA LEU A 272 -0.10 17.39 3.65
C LEU A 272 1.32 17.93 3.83
N THR A 273 2.10 17.95 2.76
CA THR A 273 3.46 18.44 2.83
C THR A 273 3.48 19.97 2.90
N ASP A 274 2.41 20.59 2.39
CA ASP A 274 2.29 22.05 2.41
C ASP A 274 1.93 22.43 3.85
N GLY A 275 0.91 21.75 4.41
CA GLY A 275 0.49 21.99 5.78
C GLY A 275 -0.24 23.28 6.12
N LYS A 276 -0.54 24.12 5.14
CA LYS A 276 -1.22 25.39 5.41
C LYS A 276 -2.72 25.21 5.60
N SER A 277 -3.24 24.05 5.21
CA SER A 277 -4.67 23.76 5.30
C SER A 277 -4.95 22.34 5.82
N SER A 278 -5.90 22.24 6.75
CA SER A 278 -6.27 20.93 7.31
C SER A 278 -7.30 20.26 6.42
N HIS A 279 -7.73 20.96 5.38
CA HIS A 279 -8.72 20.41 4.46
C HIS A 279 -8.05 19.66 3.32
N VAL A 280 -7.51 18.49 3.65
CA VAL A 280 -6.85 17.63 2.68
C VAL A 280 -7.95 17.10 1.76
N PRO A 281 -7.71 17.08 0.44
CA PRO A 281 -8.70 16.59 -0.55
C PRO A 281 -8.90 15.07 -0.68
N TYR A 282 -9.17 14.40 0.44
CA TYR A 282 -9.39 12.96 0.41
C TYR A 282 -10.54 12.53 -0.51
N ARG A 283 -11.54 13.40 -0.67
CA ARG A 283 -12.70 13.08 -1.51
C ARG A 283 -12.49 13.09 -3.01
N ASP A 284 -11.35 13.59 -3.48
CA ASP A 284 -11.11 13.61 -4.92
C ASP A 284 -11.15 12.21 -5.53
N SER A 285 -11.10 11.18 -4.68
CA SER A 285 -11.15 9.81 -5.16
C SER A 285 -11.52 8.84 -4.05
N LYS A 286 -12.12 7.71 -4.43
CA LYS A 286 -12.50 6.71 -3.45
C LYS A 286 -11.29 6.07 -2.79
N LEU A 287 -10.18 6.00 -3.52
CA LEU A 287 -8.95 5.43 -2.97
C LEU A 287 -8.49 6.24 -1.77
N THR A 288 -8.43 7.56 -1.94
CA THR A 288 -7.97 8.44 -0.87
C THR A 288 -8.96 8.57 0.28
N ARG A 289 -10.23 8.27 0.03
CA ARG A 289 -11.21 8.33 1.11
C ARG A 289 -11.02 7.08 1.97
N ILE A 290 -10.96 5.93 1.30
CA ILE A 290 -10.77 4.64 1.96
C ILE A 290 -9.49 4.61 2.77
N LEU A 291 -8.43 5.18 2.19
CA LEU A 291 -7.13 5.21 2.84
C LEU A 291 -6.75 6.57 3.42
N GLN A 292 -7.74 7.38 3.80
CA GLN A 292 -7.41 8.71 4.34
C GLN A 292 -6.58 8.68 5.61
N GLU A 293 -6.87 7.75 6.53
CA GLU A 293 -6.09 7.67 7.76
C GLU A 293 -4.63 7.30 7.48
N SER A 294 -4.38 6.57 6.39
CA SER A 294 -3.04 6.14 6.04
C SER A 294 -2.18 7.34 5.65
N LEU A 295 -2.83 8.41 5.17
CA LEU A 295 -2.10 9.61 4.77
C LEU A 295 -2.35 10.77 5.73
N GLY A 296 -1.55 10.85 6.78
CA GLY A 296 -1.70 11.93 7.74
C GLY A 296 -2.56 11.62 8.96
N GLY A 297 -3.01 10.36 9.07
CA GLY A 297 -3.84 10.00 10.20
C GLY A 297 -3.25 8.90 11.08
N ASN A 298 -4.13 8.17 11.75
CA ASN A 298 -3.75 7.08 12.62
C ASN A 298 -3.29 5.88 11.79
N SER A 299 -1.98 5.76 11.56
CA SER A 299 -1.48 4.65 10.76
C SER A 299 0.03 4.54 10.64
N ARG A 300 0.49 3.31 10.54
CA ARG A 300 1.91 3.03 10.33
C ARG A 300 1.91 2.86 8.82
N THR A 301 2.43 3.83 8.10
CA THR A 301 2.40 3.78 6.65
C THR A 301 3.75 3.61 5.96
N THR A 302 3.80 2.66 5.03
CA THR A 302 5.00 2.40 4.28
C THR A 302 4.72 2.57 2.79
N LEU A 303 5.51 3.41 2.13
CA LEU A 303 5.36 3.65 0.70
C LEU A 303 6.56 3.05 -0.01
N ILE A 304 6.28 2.12 -0.91
CA ILE A 304 7.32 1.46 -1.70
C ILE A 304 7.26 2.09 -3.07
N ILE A 305 8.32 2.79 -3.48
CA ILE A 305 8.32 3.36 -4.81
C ILE A 305 9.17 2.46 -5.69
N ASN A 306 8.53 1.86 -6.69
CA ASN A 306 9.19 0.96 -7.63
C ASN A 306 9.79 1.75 -8.79
N CYS A 307 11.08 1.55 -9.04
CA CYS A 307 11.77 2.28 -10.09
C CYS A 307 12.55 1.41 -11.07
N SER A 308 12.71 1.93 -12.27
CA SER A 308 13.49 1.27 -13.31
C SER A 308 14.86 1.94 -13.18
N PRO A 309 15.94 1.18 -13.41
CA PRO A 309 17.28 1.76 -13.31
C PRO A 309 17.82 2.09 -14.69
N SER A 310 16.94 2.09 -15.68
CA SER A 310 17.31 2.34 -17.07
C SER A 310 17.20 3.79 -17.54
N SER A 311 18.14 4.19 -18.40
CA SER A 311 18.14 5.54 -18.97
C SER A 311 16.92 5.68 -19.88
N TYR A 312 16.43 4.54 -20.36
CA TYR A 312 15.26 4.48 -21.23
C TYR A 312 14.04 5.07 -20.48
N ASN A 313 14.00 4.88 -19.17
CA ASN A 313 12.89 5.40 -18.37
C ASN A 313 13.33 6.42 -17.31
N ASP A 314 14.40 7.15 -17.59
CA ASP A 314 14.90 8.12 -16.61
C ASP A 314 13.88 9.17 -16.16
N ALA A 315 13.13 9.76 -17.09
CA ALA A 315 12.16 10.79 -16.76
C ALA A 315 11.09 10.33 -15.77
N GLU A 316 10.53 9.13 -15.99
CA GLU A 316 9.51 8.61 -15.08
C GLU A 316 10.11 8.21 -13.73
N THR A 317 11.33 7.65 -13.76
CA THR A 317 11.97 7.26 -12.51
C THR A 317 12.26 8.49 -11.66
N LEU A 318 12.60 9.60 -12.30
CA LEU A 318 12.88 10.83 -11.56
C LEU A 318 11.58 11.34 -10.93
N SER A 319 10.49 11.29 -11.71
CA SER A 319 9.19 11.73 -11.22
C SER A 319 8.79 10.91 -10.00
N THR A 320 9.05 9.60 -10.07
CA THR A 320 8.71 8.69 -8.97
C THR A 320 9.54 8.95 -7.72
N LEU A 321 10.84 9.19 -7.89
CA LEU A 321 11.73 9.46 -6.77
C LEU A 321 11.32 10.74 -6.04
N ARG A 322 11.07 11.79 -6.83
CA ARG A 322 10.67 13.08 -6.26
C ARG A 322 9.38 12.92 -5.48
N PHE A 323 8.42 12.22 -6.07
CA PHE A 323 7.15 11.97 -5.41
C PHE A 323 7.44 11.28 -4.09
N GLY A 324 8.34 10.31 -4.13
CA GLY A 324 8.70 9.61 -2.92
C GLY A 324 9.34 10.56 -1.93
N MET A 325 10.11 11.52 -2.46
CA MET A 325 10.78 12.49 -1.60
C MET A 325 9.76 13.39 -0.92
N ARG A 326 8.71 13.77 -1.65
CA ARG A 326 7.67 14.62 -1.09
C ARG A 326 6.86 13.91 -0.01
N ALA A 327 6.57 12.62 -0.22
CA ALA A 327 5.79 11.84 0.74
C ALA A 327 6.58 11.64 2.03
N LYS A 328 7.89 11.58 1.89
CA LYS A 328 8.82 11.36 3.00
C LYS A 328 8.63 12.32 4.19
N SER A 329 8.38 13.60 3.91
CA SER A 329 8.21 14.57 4.99
C SER A 329 6.85 14.57 5.70
N ILE A 330 5.98 13.64 5.34
CA ILE A 330 4.65 13.58 5.96
C ILE A 330 4.66 12.86 7.32
N LYS A 331 4.03 13.50 8.30
CA LYS A 331 3.93 12.95 9.65
C LYS A 331 2.51 12.46 9.91
N ASN A 332 2.37 11.21 10.32
CA ASN A 332 1.07 10.64 10.60
C ASN A 332 0.63 10.83 12.05
N LYS A 333 -0.68 10.86 12.26
CA LYS A 333 -1.26 11.05 13.58
C LYS A 333 -0.83 9.96 14.53
N ALA A 334 -0.33 10.36 15.70
CA ALA A 334 0.12 9.40 16.71
C ALA A 334 -0.82 9.38 17.90
N LYS A 335 -1.99 8.77 17.72
CA LYS A 335 -2.98 8.65 18.78
C LYS A 335 -3.72 7.32 18.70
N VAL A 336 -4.12 6.81 19.87
CA VAL A 336 -4.84 5.53 19.97
C VAL A 336 -3.90 4.34 19.72
N ASN A 337 -3.42 3.75 20.80
CA ASN A 337 -2.50 2.60 20.72
C ASN A 337 -3.24 1.30 20.49
N ALA A 338 -3.47 0.56 21.57
CA ALA A 338 -4.16 -0.72 21.48
C ALA A 338 -4.58 -1.27 22.85
N GLU A 339 -3.78 -2.16 23.40
CA GLU A 339 -4.05 -2.77 24.70
C GLU A 339 -3.71 -1.82 25.85
N LEU A 340 -4.43 -1.95 26.96
CA LEU A 340 -4.21 -1.10 28.12
C LEU A 340 -3.01 -1.61 28.94
N SER A 341 -2.09 -0.71 29.25
CA SER A 341 -0.90 -1.06 30.01
C SER A 341 -0.46 0.02 31.00
N PRO A 342 -0.43 1.30 30.59
CA PRO A 342 -0.79 1.85 29.27
C PRO A 342 0.29 1.61 28.21
N ALA A 343 -0.11 1.68 26.94
CA ALA A 343 0.82 1.46 25.84
C ALA A 343 1.76 2.65 25.67
N GLU A 344 1.58 3.68 26.49
CA GLU A 344 2.42 4.87 26.44
C GLU A 344 2.90 5.26 27.83
N LEU A 345 2.44 6.42 28.31
CA LEU A 345 2.81 6.91 29.63
C LEU A 345 1.57 7.23 30.47
N LYS A 346 0.46 7.47 29.78
CA LYS A 346 -0.81 7.78 30.44
C LYS A 346 -1.98 7.37 29.56
N GLN A 347 -2.14 8.06 28.43
CA GLN A 347 -3.24 7.78 27.50
C GLN A 347 -4.58 7.72 28.22
N MET A 348 -4.96 8.84 28.82
CA MET A 348 -6.21 8.95 29.55
C MET A 348 -6.77 10.37 29.44
N LEU A 349 -6.71 10.92 28.23
CA LEU A 349 -7.21 12.27 27.97
C LEU A 349 -8.56 12.51 28.64
N ALA A 350 -8.53 13.23 29.76
CA ALA A 350 -9.73 13.55 30.51
C ALA A 350 -9.84 15.05 30.70
N LYS A 351 -9.36 15.53 31.85
CA LYS A 351 -9.39 16.95 32.18
C LYS A 351 -9.05 17.11 33.67
N ALA A 352 -9.71 16.28 34.47
CA ALA A 352 -9.54 16.28 35.93
C ALA A 352 -10.57 15.32 36.51
N LYS A 353 -11.83 15.77 36.52
CA LYS A 353 -12.94 14.98 37.04
C LYS A 353 -12.56 14.09 38.21
N THR A 354 -12.46 14.70 39.40
CA THR A 354 -12.10 13.97 40.60
C THR A 354 -13.26 13.06 41.03
N GLN A 355 -14.47 13.46 40.67
CA GLN A 355 -15.66 12.69 41.00
C GLN A 355 -15.91 11.63 39.94
#